data_4AC0
#
_entry.id   4AC0
#
_cell.length_a   71.880
_cell.length_b   71.880
_cell.length_c   93.430
_cell.angle_alpha   90.00
_cell.angle_beta   90.00
_cell.angle_gamma   90.00
#
_symmetry.space_group_name_H-M   'P 41 21 2'
#
loop_
_entity.id
_entity.type
_entity.pdbx_description
1 polymer 'TETRACYCLINE REPRESSOR PROTEIN CLASS B FROM TRANSPOSON TN1 0'
2 non-polymer '(4S,4AS,5AR,12AS)-4,7-BIS(DIMETHYLAMINO)-3,10,12,12A-TETRAHYDROXY-1,11-DIOXO-1,4,4A,5,5A,6,11,12A-OCTAHYDROTETRACENE-2- CARBOXAMIDE'
3 non-polymer 'MAGNESIUM ION'
4 non-polymer 'PHOSPHATE ION'
5 water water
#
_entity_poly.entity_id   1
_entity_poly.type   'polypeptide(L)'
_entity_poly.pdbx_seq_one_letter_code
;SRLDKSKVINSALELLNEVGIEGLTTRKLAQKLGVEQPTLYWHVKNKRALLDALAIEMLDRHHTHFCPLEGESWQDFLRN
NAKSFRCALLSHRDGAKVHLGTRPTEKQYETLENQLAFLCQQGFSLENALYALSAVGHFTLGCVLEDQEHQVAKEERETP
TTDSMPPLLRQAIELFDHQGAEPAFLFGLELIICGLEKQLKC
;
_entity_poly.pdbx_strand_id   A
#
loop_
_chem_comp.id
_chem_comp.type
_chem_comp.name
_chem_comp.formula
MG non-polymer 'MAGNESIUM ION' 'Mg 2'
MIY non-polymer '(4S,4AS,5AR,12AS)-4,7-BIS(DIMETHYLAMINO)-3,10,12,12A-TETRAHYDROXY-1,11-DIOXO-1,4,4A,5,5A,6,11,12A-OCTAHYDROTETRACENE-2- CARBOXAMIDE' 'C23 H27 N3 O7'
PO4 non-polymer 'PHOSPHATE ION' 'O4 P -3'
#
# COMPACT_ATOMS: atom_id res chain seq x y z
N SER A 1 -26.66 -15.75 7.41
CA SER A 1 -26.00 -15.32 6.14
C SER A 1 -26.97 -14.55 5.26
N ARG A 2 -26.77 -13.23 5.21
CA ARG A 2 -27.47 -12.37 4.24
C ARG A 2 -26.78 -12.49 2.86
N LEU A 3 -25.52 -12.98 2.87
CA LEU A 3 -24.65 -13.24 1.68
C LEU A 3 -24.34 -12.01 0.81
N ASP A 4 -23.21 -11.36 1.10
CA ASP A 4 -22.89 -10.05 0.54
C ASP A 4 -21.43 -10.00 0.12
N LYS A 5 -21.14 -9.28 -0.97
CA LYS A 5 -19.76 -9.06 -1.36
C LYS A 5 -19.08 -8.28 -0.27
N SER A 6 -19.78 -7.26 0.20
CA SER A 6 -19.30 -6.39 1.27
C SER A 6 -19.00 -7.17 2.55
N LYS A 7 -19.78 -8.22 2.82
CA LYS A 7 -19.60 -9.04 4.00
C LYS A 7 -18.47 -10.00 3.79
N VAL A 8 -18.28 -10.43 2.55
CA VAL A 8 -17.19 -11.34 2.21
C VAL A 8 -15.89 -10.59 2.44
N ILE A 9 -15.78 -9.41 1.86
CA ILE A 9 -14.55 -8.63 1.94
C ILE A 9 -14.27 -8.23 3.39
N ASN A 10 -15.28 -7.76 4.12
CA ASN A 10 -15.13 -7.54 5.56
C ASN A 10 -14.50 -8.74 6.24
N SER A 11 -15.07 -9.92 5.98
CA SER A 11 -14.69 -11.14 6.66
C SER A 11 -13.30 -11.60 6.21
N ALA A 12 -12.99 -11.42 4.93
CA ALA A 12 -11.70 -11.73 4.40
C ALA A 12 -10.67 -10.81 5.00
N LEU A 13 -11.03 -9.55 5.24
CA LEU A 13 -10.06 -8.60 5.81
C LEU A 13 -9.70 -9.03 7.22
N GLU A 14 -10.71 -9.49 7.93
CA GLU A 14 -10.49 -10.00 9.23
C GLU A 14 -9.58 -11.24 9.21
N LEU A 15 -9.91 -12.18 8.33
CA LEU A 15 -9.15 -13.41 8.19
C LEU A 15 -7.67 -13.18 7.86
N LEU A 16 -7.41 -12.22 6.97
CA LEU A 16 -6.05 -11.78 6.68
C LEU A 16 -5.33 -11.43 7.96
N ASN A 17 -6.01 -10.75 8.85
CA ASN A 17 -5.37 -10.37 10.11
C ASN A 17 -5.09 -11.60 11.00
N GLU A 18 -5.94 -12.62 10.86
CA GLU A 18 -5.84 -13.77 11.73
C GLU A 18 -4.66 -14.66 11.32
N VAL A 19 -4.52 -14.87 10.01
CA VAL A 19 -3.61 -15.87 9.46
C VAL A 19 -2.56 -15.29 8.53
N GLY A 20 -2.82 -14.11 8.00
CA GLY A 20 -1.85 -13.49 7.13
C GLY A 20 -2.00 -14.01 5.72
N ILE A 21 -1.16 -13.48 4.83
CA ILE A 21 -1.34 -13.67 3.38
C ILE A 21 -1.11 -15.09 2.91
N GLU A 22 -0.12 -15.79 3.45
CA GLU A 22 0.13 -17.10 2.92
C GLU A 22 -0.90 -18.05 3.47
N GLY A 23 -1.40 -17.79 4.66
CA GLY A 23 -2.29 -18.75 5.31
C GLY A 23 -3.73 -18.47 4.90
N LEU A 24 -3.96 -17.38 4.19
CA LEU A 24 -5.32 -17.10 3.72
C LEU A 24 -5.67 -18.03 2.55
N THR A 25 -6.85 -18.66 2.63
CA THR A 25 -7.40 -19.43 1.54
C THR A 25 -8.90 -19.23 1.49
N THR A 26 -9.44 -19.36 0.27
CA THR A 26 -10.91 -19.40 0.07
C THR A 26 -11.56 -20.48 0.95
N ARG A 27 -10.91 -21.66 1.04
CA ARG A 27 -11.44 -22.67 1.92
C ARG A 27 -11.59 -22.07 3.31
N LYS A 28 -10.50 -21.55 3.90
CA LYS A 28 -10.57 -20.98 5.25
C LYS A 28 -11.59 -19.82 5.36
N LEU A 29 -11.73 -19.05 4.27
CA LEU A 29 -12.70 -17.96 4.24
C LEU A 29 -14.16 -18.38 4.36
N ALA A 30 -14.61 -19.36 3.59
CA ALA A 30 -16.01 -19.78 3.66
C ALA A 30 -16.34 -20.34 5.04
N GLN A 31 -15.42 -21.12 5.59
CA GLN A 31 -15.60 -21.69 6.90
C GLN A 31 -15.80 -20.58 7.93
N LYS A 32 -15.05 -19.50 7.83
CA LYS A 32 -15.26 -18.37 8.73
C LYS A 32 -16.67 -17.74 8.51
N LEU A 33 -17.17 -17.80 7.28
CA LEU A 33 -18.47 -17.22 6.96
C LEU A 33 -19.62 -18.12 7.38
N GLY A 34 -19.28 -19.35 7.73
CA GLY A 34 -20.27 -20.38 8.00
C GLY A 34 -21.03 -20.79 6.76
N VAL A 35 -20.39 -20.67 5.58
CA VAL A 35 -20.93 -21.19 4.29
C VAL A 35 -20.09 -22.32 3.64
N GLU A 36 -20.67 -23.05 2.70
CA GLU A 36 -19.88 -24.02 1.92
C GLU A 36 -19.04 -23.31 0.83
N GLN A 37 -17.97 -23.96 0.40
CA GLN A 37 -16.97 -23.31 -0.46
C GLN A 37 -17.44 -22.90 -1.90
N PRO A 38 -18.33 -23.69 -2.55
CA PRO A 38 -19.04 -23.26 -3.78
C PRO A 38 -19.77 -21.90 -3.70
N THR A 39 -20.56 -21.68 -2.65
CA THR A 39 -21.22 -20.38 -2.36
C THR A 39 -20.33 -19.14 -2.45
N LEU A 40 -19.15 -19.26 -1.89
CA LEU A 40 -18.24 -18.15 -1.82
C LEU A 40 -17.69 -17.83 -3.22
N TYR A 41 -17.74 -18.81 -4.13
CA TYR A 41 -17.36 -18.55 -5.54
C TYR A 41 -18.20 -17.49 -6.19
N TRP A 42 -19.47 -17.40 -5.77
CA TRP A 42 -20.41 -16.44 -6.38
C TRP A 42 -19.94 -15.00 -6.08
N HIS A 43 -18.87 -14.88 -5.30
CA HIS A 43 -18.36 -13.54 -4.99
C HIS A 43 -16.89 -13.45 -5.32
N VAL A 44 -16.14 -14.53 -5.08
CA VAL A 44 -14.70 -14.60 -5.47
C VAL A 44 -14.31 -15.91 -6.19
N LYS A 45 -13.58 -15.78 -7.28
CA LYS A 45 -13.20 -16.91 -8.07
C LYS A 45 -12.19 -17.73 -7.28
N ASN A 46 -11.20 -17.07 -6.69
CA ASN A 46 -10.03 -17.76 -6.16
C ASN A 46 -9.18 -16.81 -5.32
N LYS A 47 -8.02 -17.29 -4.86
CA LYS A 47 -7.17 -16.50 -3.97
C LYS A 47 -6.70 -15.18 -4.60
N ARG A 48 -6.23 -15.23 -5.85
CA ARG A 48 -5.71 -14.01 -6.48
C ARG A 48 -6.76 -12.93 -6.54
N ALA A 49 -7.96 -13.33 -6.94
CA ALA A 49 -9.10 -12.44 -7.10
C ALA A 49 -9.52 -11.90 -5.76
N LEU A 50 -9.50 -12.78 -4.77
CA LEU A 50 -9.74 -12.34 -3.40
C LEU A 50 -8.70 -11.33 -3.00
N LEU A 51 -7.44 -11.62 -3.30
CA LEU A 51 -6.40 -10.71 -2.87
C LEU A 51 -6.56 -9.34 -3.56
N ASP A 52 -6.95 -9.32 -4.85
CA ASP A 52 -7.18 -8.08 -5.59
C ASP A 52 -8.27 -7.25 -4.94
N ALA A 53 -9.36 -7.91 -4.54
CA ALA A 53 -10.41 -7.18 -3.86
C ALA A 53 -9.99 -6.66 -2.48
N LEU A 54 -9.10 -7.37 -1.78
CA LEU A 54 -8.62 -6.94 -0.48
C LEU A 54 -7.75 -5.70 -0.63
N ALA A 55 -6.98 -5.69 -1.72
CA ALA A 55 -6.07 -4.61 -2.03
C ALA A 55 -6.90 -3.42 -2.42
N ILE A 56 -7.92 -3.66 -3.25
CA ILE A 56 -8.83 -2.59 -3.64
C ILE A 56 -9.46 -2.07 -2.39
N GLU A 57 -10.06 -2.94 -1.60
CA GLU A 57 -10.74 -2.47 -0.40
C GLU A 57 -9.91 -1.62 0.54
N MET A 58 -8.65 -1.98 0.75
CA MET A 58 -7.78 -1.22 1.62
C MET A 58 -7.52 0.19 1.10
N LEU A 59 -7.72 0.42 -0.18
CA LEU A 59 -7.55 1.76 -0.70
C LEU A 59 -8.84 2.50 -0.50
N ASP A 60 -9.94 1.79 -0.69
CA ASP A 60 -11.23 2.43 -0.54
C ASP A 60 -11.38 3.02 0.84
N ARG A 61 -10.94 2.27 1.85
CA ARG A 61 -11.14 2.70 3.24
C ARG A 61 -10.09 3.74 3.62
N HIS A 62 -8.87 3.59 3.10
CA HIS A 62 -7.77 4.30 3.72
C HIS A 62 -6.96 5.14 2.80
N HIS A 63 -7.12 4.97 1.50
CA HIS A 63 -6.26 5.75 0.61
C HIS A 63 -7.07 6.96 0.17
N THR A 64 -7.05 7.98 1.02
CA THR A 64 -8.05 9.02 0.94
C THR A 64 -7.50 10.16 0.12
N HIS A 65 -6.18 10.20 0.03
CA HIS A 65 -5.56 11.27 -0.73
C HIS A 65 -5.23 10.85 -2.17
N PHE A 66 -6.18 10.15 -2.78
CA PHE A 66 -6.01 9.66 -4.15
C PHE A 66 -6.14 10.79 -5.15
N CYS A 67 -6.63 11.93 -4.66
CA CYS A 67 -7.03 13.04 -5.50
C CYS A 67 -6.43 14.38 -5.00
N PRO A 68 -5.83 15.17 -5.93
CA PRO A 68 -5.32 16.51 -5.62
C PRO A 68 -6.38 17.52 -5.31
N LEU A 69 -6.07 18.40 -4.37
CA LEU A 69 -6.91 19.58 -4.18
C LEU A 69 -6.20 20.74 -4.90
N GLU A 70 -6.88 21.48 -5.77
CA GLU A 70 -6.25 22.62 -6.47
C GLU A 70 -5.76 23.64 -5.43
N GLY A 71 -4.80 24.48 -5.79
CA GLY A 71 -4.11 25.28 -4.79
C GLY A 71 -3.13 24.45 -3.97
N GLU A 72 -3.39 23.14 -3.80
CA GLU A 72 -2.45 22.21 -3.14
C GLU A 72 -1.35 21.91 -4.12
N SER A 73 -0.12 22.26 -3.74
CA SER A 73 1.03 22.01 -4.59
C SER A 73 1.08 20.53 -5.02
N TRP A 74 1.68 20.24 -6.19
CA TRP A 74 1.93 18.86 -6.59
C TRP A 74 2.79 18.21 -5.55
N GLN A 75 3.70 18.99 -4.97
CA GLN A 75 4.62 18.51 -3.95
C GLN A 75 3.88 18.04 -2.72
N ASP A 76 2.92 18.83 -2.23
CA ASP A 76 2.10 18.44 -1.08
C ASP A 76 1.27 17.23 -1.43
N PHE A 77 0.80 17.20 -2.68
CA PHE A 77 0.02 16.09 -3.15
C PHE A 77 0.80 14.76 -3.25
N LEU A 78 1.98 14.77 -3.87
CA LEU A 78 2.82 13.54 -3.85
C LEU A 78 3.07 13.14 -2.38
N ARG A 79 3.32 14.14 -1.53
CA ARG A 79 3.43 13.90 -0.09
C ARG A 79 2.17 13.20 0.46
N ASN A 80 0.98 13.82 0.37
CA ASN A 80 -0.22 13.27 1.03
C ASN A 80 -0.73 11.98 0.40
N ASN A 81 -0.53 11.88 -0.92
CA ASN A 81 -0.82 10.66 -1.67
C ASN A 81 0.01 9.50 -1.18
N ALA A 82 1.32 9.73 -0.96
CA ALA A 82 2.19 8.63 -0.51
C ALA A 82 1.77 8.27 0.90
N LYS A 83 1.56 9.28 1.73
CA LYS A 83 1.11 9.05 3.12
C LYS A 83 -0.12 8.15 3.23
N SER A 84 -1.12 8.37 2.38
CA SER A 84 -2.38 7.64 2.56
C SER A 84 -2.23 6.31 1.90
N PHE A 85 -1.41 6.25 0.86
CA PHE A 85 -1.11 4.94 0.30
C PHE A 85 -0.46 4.13 1.42
N ARG A 86 0.64 4.65 1.97
CA ARG A 86 1.26 3.98 3.11
C ARG A 86 0.23 3.49 4.13
N CYS A 87 -0.55 4.46 4.59
CA CYS A 87 -1.66 4.23 5.47
C CYS A 87 -2.57 3.06 5.04
N ALA A 88 -2.97 3.02 3.77
CA ALA A 88 -3.67 1.84 3.22
C ALA A 88 -2.92 0.51 3.45
N LEU A 89 -1.68 0.45 3.03
CA LEU A 89 -0.90 -0.78 3.21
C LEU A 89 -0.80 -1.27 4.64
N LEU A 90 -0.64 -0.34 5.58
CA LEU A 90 -0.42 -0.63 7.03
C LEU A 90 -1.70 -1.04 7.72
N SER A 91 -2.82 -0.78 7.06
CA SER A 91 -4.14 -1.00 7.69
C SER A 91 -4.39 -2.46 8.01
N HIS A 92 -3.70 -3.36 7.31
CA HIS A 92 -3.84 -4.74 7.64
C HIS A 92 -2.55 -5.51 7.58
N ARG A 93 -2.57 -6.67 8.22
CA ARG A 93 -1.50 -7.64 8.15
C ARG A 93 -1.23 -7.99 6.71
N ASP A 94 0.05 -8.01 6.34
CA ASP A 94 0.50 -8.21 4.92
C ASP A 94 -0.10 -7.29 3.85
N GLY A 95 -0.65 -6.14 4.30
CA GLY A 95 -1.20 -5.11 3.42
C GLY A 95 -0.31 -4.81 2.21
N ALA A 96 0.97 -4.66 2.43
CA ALA A 96 1.87 -4.37 1.35
C ALA A 96 2.05 -5.59 0.44
N LYS A 97 2.19 -6.76 1.02
CA LYS A 97 2.21 -7.95 0.22
C LYS A 97 0.93 -8.17 -0.54
N VAL A 98 -0.22 -7.75 -0.01
CA VAL A 98 -1.46 -7.99 -0.73
C VAL A 98 -1.55 -7.12 -1.96
N HIS A 99 -0.93 -5.95 -1.92
CA HIS A 99 -0.90 -5.05 -3.06
C HIS A 99 0.08 -5.48 -4.17
N LEU A 100 1.23 -6.01 -3.75
CA LEU A 100 2.31 -6.38 -4.64
C LEU A 100 1.79 -7.05 -5.88
N GLY A 101 2.22 -6.59 -7.05
CA GLY A 101 1.88 -7.28 -8.23
C GLY A 101 0.48 -6.95 -8.75
N THR A 102 -0.38 -6.23 -7.98
CA THR A 102 -1.63 -5.73 -8.54
C THR A 102 -1.34 -4.64 -9.56
N ARG A 103 -2.34 -4.39 -10.38
CA ARG A 103 -2.27 -3.41 -11.42
C ARG A 103 -3.54 -2.56 -11.42
N PRO A 104 -3.48 -1.34 -12.03
CA PRO A 104 -4.64 -0.47 -12.17
C PRO A 104 -5.85 -1.24 -12.69
N THR A 105 -7.03 -0.97 -12.15
CA THR A 105 -8.25 -1.61 -12.64
C THR A 105 -9.25 -0.57 -13.10
N GLU A 106 -10.27 -0.99 -13.82
CA GLU A 106 -11.29 -0.08 -14.32
C GLU A 106 -11.75 1.04 -13.37
N LYS A 107 -12.08 0.72 -12.13
CA LYS A 107 -12.59 1.75 -11.23
C LYS A 107 -11.51 2.72 -10.76
N GLN A 108 -10.27 2.53 -11.20
CA GLN A 108 -9.23 3.44 -10.79
C GLN A 108 -8.90 4.34 -11.94
N TYR A 109 -9.34 3.94 -13.13
CA TYR A 109 -9.05 4.72 -14.34
C TYR A 109 -9.17 6.24 -14.18
N GLU A 110 -10.35 6.73 -13.80
CA GLU A 110 -10.63 8.16 -13.54
C GLU A 110 -9.66 8.77 -12.49
N THR A 111 -9.52 8.14 -11.32
CA THR A 111 -8.55 8.57 -10.29
C THR A 111 -7.14 8.71 -10.86
N LEU A 112 -6.69 7.68 -11.55
CA LEU A 112 -5.34 7.60 -12.03
C LEU A 112 -5.09 8.50 -13.20
N GLU A 113 -6.05 8.65 -14.09
CA GLU A 113 -5.89 9.55 -15.22
C GLU A 113 -5.72 10.96 -14.65
N ASN A 114 -6.64 11.32 -13.74
CA ASN A 114 -6.61 12.62 -13.08
C ASN A 114 -5.27 12.84 -12.44
N GLN A 115 -4.68 11.76 -11.90
CA GLN A 115 -3.39 11.83 -11.24
C GLN A 115 -2.22 12.22 -12.16
N LEU A 116 -2.30 11.82 -13.43
CA LEU A 116 -1.21 12.06 -14.35
C LEU A 116 -1.47 13.41 -14.99
N ALA A 117 -2.75 13.75 -15.16
CA ALA A 117 -3.12 15.04 -15.76
C ALA A 117 -2.82 16.19 -14.84
N PHE A 118 -2.98 15.94 -13.53
CA PHE A 118 -2.69 16.93 -12.51
C PHE A 118 -1.22 17.22 -12.57
N LEU A 119 -0.37 16.21 -12.54
CA LEU A 119 1.06 16.45 -12.70
C LEU A 119 1.43 17.13 -14.02
N CYS A 120 0.85 16.66 -15.11
CA CYS A 120 1.15 17.19 -16.44
C CYS A 120 0.95 18.71 -16.55
N GLN A 121 -0.17 19.21 -16.05
CA GLN A 121 -0.45 20.64 -16.12
C GLN A 121 0.44 21.41 -15.15
N GLN A 122 1.07 20.69 -14.22
CA GLN A 122 2.16 21.30 -13.44
C GLN A 122 3.48 21.40 -14.25
N GLY A 123 3.54 20.78 -15.44
CA GLY A 123 4.73 20.89 -16.28
C GLY A 123 5.68 19.70 -16.36
N PHE A 124 5.36 18.63 -15.65
CA PHE A 124 5.98 17.33 -15.95
C PHE A 124 5.46 16.75 -17.26
N SER A 125 6.37 16.18 -18.06
CA SER A 125 5.95 15.39 -19.22
C SER A 125 5.25 14.13 -18.71
N LEU A 126 4.37 13.54 -19.51
CA LEU A 126 3.70 12.35 -19.08
C LEU A 126 4.72 11.35 -18.53
N GLU A 127 5.82 11.11 -19.25
CA GLU A 127 6.82 10.12 -18.81
C GLU A 127 7.37 10.45 -17.44
N ASN A 128 7.89 11.62 -17.24
CA ASN A 128 8.41 11.88 -15.91
C ASN A 128 7.27 11.79 -14.90
N ALA A 129 6.05 12.17 -15.29
CA ALA A 129 4.97 12.22 -14.31
C ALA A 129 4.58 10.82 -13.84
N LEU A 130 4.84 9.82 -14.67
CA LEU A 130 4.46 8.48 -14.37
C LEU A 130 5.63 7.92 -13.61
N TYR A 131 6.82 8.47 -13.85
CA TYR A 131 7.98 8.04 -13.06
C TYR A 131 8.10 8.66 -11.68
N ALA A 132 7.53 9.84 -11.57
CA ALA A 132 7.37 10.47 -10.31
C ALA A 132 6.44 9.57 -9.48
N LEU A 133 5.46 8.96 -10.13
CA LEU A 133 4.46 8.12 -9.42
C LEU A 133 5.04 6.81 -9.05
N SER A 134 5.78 6.20 -9.96
CA SER A 134 6.31 4.90 -9.59
C SER A 134 7.41 4.97 -8.50
N ALA A 135 8.22 6.03 -8.54
CA ALA A 135 9.31 6.20 -7.56
C ALA A 135 8.72 6.28 -6.16
N VAL A 136 7.75 7.14 -5.98
CA VAL A 136 7.01 7.22 -4.74
C VAL A 136 6.31 5.91 -4.34
N GLY A 137 5.77 5.17 -5.29
CA GLY A 137 5.05 3.93 -4.94
C GLY A 137 6.02 2.82 -4.60
N HIS A 138 7.02 2.64 -5.46
CA HIS A 138 8.09 1.69 -5.18
C HIS A 138 8.70 1.98 -3.83
N PHE A 139 9.14 3.21 -3.62
CA PHE A 139 9.71 3.58 -2.31
C PHE A 139 8.75 3.30 -1.17
N THR A 140 7.50 3.74 -1.26
CA THR A 140 6.55 3.51 -0.16
C THR A 140 6.34 2.02 0.07
N LEU A 141 6.17 1.25 -1.00
CA LEU A 141 5.96 -0.18 -0.86
C LEU A 141 7.17 -0.79 -0.19
N GLY A 142 8.36 -0.49 -0.69
CA GLY A 142 9.60 -0.96 -0.02
C GLY A 142 9.67 -0.73 1.49
N CYS A 143 9.24 0.46 1.95
CA CYS A 143 9.17 0.78 3.38
C CYS A 143 8.22 -0.06 4.18
N VAL A 144 7.02 -0.27 3.67
CA VAL A 144 6.01 -0.92 4.44
C VAL A 144 6.25 -2.44 4.48
N LEU A 145 6.67 -2.99 3.34
CA LEU A 145 7.12 -4.37 3.24
C LEU A 145 8.20 -4.69 4.27
N GLU A 146 9.30 -3.94 4.28
CA GLU A 146 10.31 -4.12 5.34
C GLU A 146 9.76 -3.93 6.71
N ASP A 147 8.93 -2.91 6.87
CA ASP A 147 8.42 -2.55 8.17
C ASP A 147 7.48 -3.67 8.65
N GLN A 148 6.63 -4.15 7.76
CA GLN A 148 5.68 -5.21 8.08
C GLN A 148 6.30 -6.59 8.32
N GLU A 149 7.38 -6.89 7.64
CA GLU A 149 8.09 -8.16 7.77
C GLU A 149 8.78 -8.21 9.12
N HIS A 150 9.39 -7.09 9.49
CA HIS A 150 10.20 -6.91 10.71
C HIS A 150 9.71 -7.79 11.86
N GLN A 151 8.41 -7.74 12.17
CA GLN A 151 7.79 -8.43 13.33
C GLN A 151 7.74 -9.94 13.27
N VAL A 152 7.28 -10.46 12.13
CA VAL A 152 7.19 -11.92 11.98
C VAL A 152 8.60 -12.46 11.92
N ALA A 153 9.49 -11.81 11.15
CA ALA A 153 10.90 -12.17 11.11
C ALA A 153 11.67 -12.07 12.47
N LYS A 154 11.36 -11.07 13.29
CA LYS A 154 11.91 -11.02 14.64
C LYS A 154 11.45 -12.18 15.54
N GLU A 155 10.20 -12.63 15.37
CA GLU A 155 9.70 -13.78 16.17
C GLU A 155 10.60 -15.01 15.97
N GLU A 156 10.89 -15.30 14.70
CA GLU A 156 11.55 -16.54 14.25
C GLU A 156 13.08 -16.51 14.15
N ARG A 157 13.74 -15.64 14.89
CA ARG A 157 15.19 -15.65 14.95
C ARG A 157 15.61 -15.41 16.42
N GLU A 158 16.91 -15.57 16.72
CA GLU A 158 17.41 -15.26 18.07
C GLU A 158 17.77 -13.76 18.24
N SER A 164 27.19 -8.42 18.52
CA SER A 164 28.22 -7.49 19.06
C SER A 164 29.21 -7.01 17.95
N MET A 165 29.49 -5.69 17.96
CA MET A 165 29.79 -4.92 16.75
C MET A 165 30.49 -3.53 16.92
N PRO A 166 30.97 -2.95 15.80
CA PRO A 166 31.57 -1.63 15.81
C PRO A 166 30.57 -0.57 16.22
N PRO A 167 31.03 0.40 17.03
CA PRO A 167 30.19 1.34 17.78
C PRO A 167 29.38 2.34 16.98
N LEU A 168 29.79 2.56 15.73
CA LEU A 168 29.08 3.45 14.84
C LEU A 168 27.98 2.69 14.17
N LEU A 169 28.26 1.44 13.90
CA LEU A 169 27.21 0.58 13.44
C LEU A 169 26.21 0.47 14.59
N ARG A 170 26.66 0.16 15.80
CA ARG A 170 25.73 0.05 16.91
C ARG A 170 24.90 1.31 17.02
N GLN A 171 25.58 2.46 17.03
CA GLN A 171 24.89 3.74 17.08
C GLN A 171 23.92 3.84 15.90
N ALA A 172 24.37 3.53 14.69
CA ALA A 172 23.43 3.63 13.62
C ALA A 172 22.19 2.74 13.84
N ILE A 173 22.37 1.45 14.23
CA ILE A 173 21.23 0.52 14.38
C ILE A 173 20.27 1.05 15.43
N GLU A 174 20.82 1.44 16.56
CA GLU A 174 20.05 1.98 17.68
C GLU A 174 19.30 3.26 17.34
N LEU A 175 19.92 4.16 16.60
CA LEU A 175 19.23 5.35 16.09
C LEU A 175 18.09 4.88 15.13
N PHE A 176 18.44 4.02 14.18
CA PHE A 176 17.46 3.49 13.24
C PHE A 176 16.31 2.80 13.97
N ASP A 177 16.66 1.93 14.91
CA ASP A 177 15.67 1.15 15.62
C ASP A 177 14.76 2.02 16.43
N HIS A 178 15.36 2.95 17.19
CA HIS A 178 14.65 3.87 18.09
C HIS A 178 13.72 4.81 17.31
N GLN A 179 14.14 5.21 16.12
CA GLN A 179 13.25 6.07 15.33
C GLN A 179 12.37 5.12 14.51
N GLY A 180 11.05 5.39 14.50
CA GLY A 180 10.20 4.35 13.87
C GLY A 180 10.48 4.09 12.39
N ALA A 181 9.50 3.47 11.75
CA ALA A 181 9.47 3.38 10.35
C ALA A 181 9.12 4.76 9.79
N GLU A 182 8.32 5.51 10.53
CA GLU A 182 7.85 6.80 10.03
C GLU A 182 8.94 7.78 9.58
N PRO A 183 9.96 8.04 10.41
CA PRO A 183 10.99 8.96 9.91
C PRO A 183 11.75 8.42 8.70
N ALA A 184 12.11 7.14 8.71
CA ALA A 184 12.83 6.58 7.58
C ALA A 184 11.99 6.73 6.32
N PHE A 185 10.67 6.71 6.51
CA PHE A 185 9.74 6.84 5.43
C PHE A 185 9.60 8.30 4.97
N LEU A 186 9.61 9.24 5.92
CA LEU A 186 9.30 10.62 5.66
C LEU A 186 10.52 11.24 5.06
N PHE A 187 11.66 10.64 5.35
CA PHE A 187 12.94 11.12 4.85
C PHE A 187 13.13 10.86 3.34
N GLY A 188 13.02 9.59 2.91
CA GLY A 188 13.22 9.17 1.50
C GLY A 188 12.20 9.88 0.64
N LEU A 189 10.97 9.86 1.12
CA LEU A 189 9.89 10.58 0.51
C LEU A 189 10.29 11.97 0.14
N GLU A 190 11.07 12.62 1.01
CA GLU A 190 11.39 14.03 0.84
C GLU A 190 12.64 14.19 -0.04
N LEU A 191 13.50 13.18 -0.07
CA LEU A 191 14.61 13.13 -1.03
C LEU A 191 14.05 13.03 -2.46
N ILE A 192 13.03 12.18 -2.63
CA ILE A 192 12.43 11.97 -3.94
C ILE A 192 11.77 13.25 -4.39
N ILE A 193 11.18 13.99 -3.45
CA ILE A 193 10.49 15.21 -3.81
C ILE A 193 11.48 16.30 -4.21
N CYS A 194 12.72 16.26 -3.71
CA CYS A 194 13.73 17.26 -4.13
C CYS A 194 14.33 16.91 -5.47
N GLY A 195 14.46 15.63 -5.74
CA GLY A 195 14.84 15.19 -7.07
C GLY A 195 13.86 15.72 -8.08
N LEU A 196 12.56 15.69 -7.74
CA LEU A 196 11.49 16.05 -8.67
C LEU A 196 11.30 17.51 -8.76
N GLU A 197 11.54 18.21 -7.66
CA GLU A 197 11.59 19.67 -7.72
C GLU A 197 12.69 20.09 -8.63
N LYS A 198 13.81 19.38 -8.59
CA LYS A 198 14.91 19.58 -9.52
C LYS A 198 14.40 19.26 -10.94
N GLN A 199 14.26 18.00 -11.31
CA GLN A 199 13.82 17.66 -12.66
C GLN A 199 12.86 18.66 -13.32
N LEU A 200 11.76 18.99 -12.65
CA LEU A 200 10.75 19.91 -13.16
C LEU A 200 11.36 21.27 -13.59
N LYS A 201 12.18 21.88 -12.73
CA LYS A 201 13.05 22.96 -13.16
C LYS A 201 13.80 22.48 -14.42
N CYS A 202 13.29 22.94 -15.57
CA CYS A 202 13.69 22.55 -16.94
C CYS A 202 12.78 23.20 -17.99
O8 MIY B . -4.70 6.04 -5.92
C21 MIY B . -4.31 4.94 -6.41
N2 MIY B . -5.15 3.95 -6.80
C2 MIY B . -2.91 4.87 -6.72
C1 MIY B . -2.38 3.67 -7.31
O1 MIY B . -3.10 2.84 -7.88
C3 MIY B . -2.14 5.92 -6.43
O2 MIY B . -2.71 6.96 -5.82
C4 MIY B . -0.68 6.01 -6.80
N1 MIY B . 0.16 6.63 -5.75
C20 MIY B . 1.54 6.86 -6.30
C19 MIY B . 0.24 5.85 -4.48
C5 MIY B . -0.16 4.70 -7.46
C18 MIY B . -0.94 3.45 -7.02
O7 MIY B . -0.73 3.14 -5.64
C17 MIY B . -0.58 2.21 -7.77
O6 MIY B . -0.84 1.03 -7.17
C16 MIY B . -0.07 2.28 -8.98
C7 MIY B . 0.24 3.64 -9.62
C6 MIY B . -0.57 4.71 -8.92
C15 MIY B . 0.26 1.07 -9.72
O5 MIY B . 0.06 -0.08 -9.21
C14 MIY B . 0.63 1.23 -11.17
C9 MIY B . 0.51 2.49 -11.84
C8 MIY B . -0.05 3.71 -11.11
C13 MIY B . 1.07 0.08 -11.83
O4 MIY B . 1.16 -1.04 -11.13
C12 MIY B . 1.45 0.18 -13.19
C11 MIY B . 1.35 1.42 -13.84
C10 MIY B . 0.84 2.60 -13.21
N7 MIY B . 0.74 3.89 -13.90
CN7 MIY B . 1.47 5.00 -13.20
CN7 MIY B . -0.52 4.18 -14.58
C71 MIY B . 1.28 3.78 -15.23
C71 MIY B . 1.88 4.02 -14.81
MG MG C . 0.12 -0.67 -7.32
P PO4 D . -10.25 -1.79 9.03
O1 PO4 D . -10.25 -3.30 9.18
O2 PO4 D . -10.28 -1.34 7.57
O3 PO4 D . -11.57 -1.28 9.58
O4 PO4 D . -9.01 -1.23 9.73
P PO4 E . -5.15 -25.93 7.70
O1 PO4 E . -5.86 -26.39 6.45
O2 PO4 E . -3.75 -25.43 7.36
O3 PO4 E . -5.90 -24.83 8.40
O4 PO4 E . -5.06 -27.12 8.64
#